data_3FD4
#
_entry.id   3FD4
#
_cell.length_a   64.792
_cell.length_b   67.469
_cell.length_c   79.463
_cell.angle_alpha   90.00
_cell.angle_beta   90.00
_cell.angle_gamma   90.00
#
_symmetry.space_group_name_H-M   'P 21 21 21'
#
loop_
_entity.id
_entity.type
_entity.pdbx_description
1 polymer 'Glycoprotein gp42'
2 water water
#
_entity_poly.entity_id   1
_entity_poly.type   'polypeptide(L)'
_entity_poly.pdbx_seq_one_letter_code
;GGGRVAAAAITWVPKPNVEVWPVDPPPPVNFNKTAEQEYGDKEVKLPHWTPTLHTFQVPQNYTKANCTYCNTREYTFSYK
GCCFYFTKKKHTWNGCFQACAELYPCTYFYGPTPDILPVVTRNLNAIESLWVGVYRVGEGNWTSLDGGTFKVYQIFGSHC
TYVSKFSTVPVSHHECSFLKPCLCVSQRSNS
;
_entity_poly.pdbx_strand_id   A,B
#
# COMPACT_ATOMS: atom_id res chain seq x y z
N PRO A 51 -30.09 -21.20 19.00
CA PRO A 51 -31.33 -20.63 18.42
C PRO A 51 -31.10 -19.41 17.46
N THR A 52 -30.25 -19.58 16.45
CA THR A 52 -30.03 -18.58 15.38
C THR A 52 -29.46 -19.22 14.09
N LEU A 53 -29.46 -18.47 12.98
CA LEU A 53 -28.81 -18.89 11.72
C LEU A 53 -27.47 -18.14 11.44
N HIS A 54 -26.63 -18.77 10.59
CA HIS A 54 -25.31 -18.25 10.23
C HIS A 54 -25.32 -16.96 9.37
N THR A 55 -24.12 -16.52 8.97
CA THR A 55 -23.92 -15.19 8.41
C THR A 55 -24.06 -14.10 9.51
N PHE A 56 -24.50 -14.51 10.70
CA PHE A 56 -24.53 -13.63 11.84
C PHE A 56 -23.33 -13.96 12.69
N GLN A 57 -22.62 -12.95 13.16
CA GLN A 57 -21.40 -13.23 13.93
C GLN A 57 -21.03 -12.06 14.74
N VAL A 58 -20.24 -12.30 15.76
CA VAL A 58 -19.66 -11.22 16.56
C VAL A 58 -18.13 -11.41 16.60
N PRO A 59 -17.37 -10.37 16.98
CA PRO A 59 -15.92 -10.56 17.03
C PRO A 59 -15.53 -11.63 18.02
N GLN A 60 -14.62 -12.53 17.60
CA GLN A 60 -14.09 -13.57 18.49
C GLN A 60 -12.93 -13.00 19.31
N ASN A 61 -12.82 -13.39 20.58
CA ASN A 61 -11.75 -12.87 21.37
C ASN A 61 -10.51 -13.80 21.29
N TYR A 62 -9.30 -13.22 21.27
CA TYR A 62 -8.09 -14.00 21.17
C TYR A 62 -7.13 -13.59 22.24
N THR A 63 -6.38 -14.57 22.72
CA THR A 63 -5.32 -14.33 23.65
C THR A 63 -4.04 -15.03 23.17
N LYS A 64 -2.92 -14.52 23.62
CA LYS A 64 -1.69 -15.23 23.51
C LYS A 64 -1.77 -16.68 24.14
N ALA A 65 -1.09 -17.63 23.52
CA ALA A 65 -1.02 -18.97 24.09
C ALA A 65 -0.19 -18.98 25.38
N ASN A 66 -0.62 -19.85 26.28
CA ASN A 66 0.14 -20.15 27.47
C ASN A 66 1.04 -21.42 27.44
N CYS A 67 0.92 -22.20 26.38
CA CYS A 67 1.59 -23.47 26.32
C CYS A 67 2.80 -23.31 25.41
N THR A 68 3.74 -24.22 25.53
CA THR A 68 4.98 -24.14 24.78
C THR A 68 5.07 -25.20 23.70
N TYR A 69 5.45 -24.80 22.49
CA TYR A 69 5.57 -25.69 21.34
C TYR A 69 6.36 -25.02 20.24
N CYS A 70 6.97 -25.86 19.41
CA CYS A 70 7.68 -25.39 18.22
C CYS A 70 7.74 -26.52 17.21
N ASN A 71 7.33 -26.27 15.96
CA ASN A 71 7.51 -27.30 14.92
C ASN A 71 8.83 -27.08 14.33
N THR A 72 9.78 -27.90 14.74
CA THR A 72 11.23 -27.61 14.47
C THR A 72 11.67 -27.90 13.06
N ARG A 73 10.76 -28.52 12.31
CA ARG A 73 10.96 -28.82 10.87
C ARG A 73 10.32 -27.82 9.91
N GLU A 74 9.28 -27.11 10.37
CA GLU A 74 8.53 -26.21 9.57
C GLU A 74 8.62 -24.71 9.93
N TYR A 75 9.38 -24.29 10.97
CA TYR A 75 9.31 -22.90 11.21
C TYR A 75 10.05 -22.18 10.07
N THR A 76 9.74 -20.90 9.85
CA THR A 76 10.51 -20.01 8.95
C THR A 76 11.87 -19.65 9.58
N PHE A 77 11.87 -19.17 10.81
CA PHE A 77 13.11 -18.96 11.50
C PHE A 77 12.81 -19.03 12.97
N SER A 78 13.84 -19.26 13.75
CA SER A 78 13.74 -19.26 15.19
C SER A 78 14.70 -18.22 15.74
N TYR A 79 14.38 -17.57 16.87
CA TYR A 79 15.21 -16.49 17.42
C TYR A 79 14.75 -16.17 18.81
N LYS A 80 15.68 -16.06 19.76
CA LYS A 80 15.40 -15.70 21.18
C LYS A 80 14.36 -16.56 21.89
N GLY A 81 14.48 -17.88 21.75
CA GLY A 81 13.48 -18.82 22.33
C GLY A 81 12.06 -18.87 21.72
N CYS A 82 11.90 -18.24 20.55
CA CYS A 82 10.63 -18.21 19.83
C CYS A 82 10.68 -18.75 18.38
N CYS A 83 9.64 -19.45 17.95
CA CYS A 83 9.55 -20.04 16.59
C CYS A 83 8.60 -19.19 15.76
N PHE A 84 9.03 -18.73 14.58
CA PHE A 84 8.25 -17.83 13.78
C PHE A 84 7.80 -18.52 12.46
N TYR A 85 6.56 -18.24 12.06
CA TYR A 85 6.01 -18.91 10.88
C TYR A 85 5.38 -17.89 9.97
N PHE A 86 5.79 -17.86 8.69
CA PHE A 86 5.00 -17.17 7.66
C PHE A 86 4.01 -18.22 7.06
N THR A 87 2.70 -17.95 7.12
CA THR A 87 1.74 -18.91 6.66
C THR A 87 1.86 -19.15 5.15
N LYS A 88 1.70 -20.40 4.72
CA LYS A 88 1.77 -20.73 3.31
C LYS A 88 0.51 -20.18 2.60
N LYS A 89 -0.65 -20.42 3.19
CA LYS A 89 -1.89 -19.87 2.60
C LYS A 89 -2.06 -18.40 3.03
N LYS A 90 -2.63 -17.60 2.14
CA LYS A 90 -2.89 -16.19 2.46
C LYS A 90 -4.25 -16.00 3.08
N HIS A 91 -4.38 -15.03 3.97
CA HIS A 91 -5.64 -14.71 4.69
C HIS A 91 -5.87 -13.23 4.74
N THR A 92 -7.07 -12.88 5.18
CA THR A 92 -7.38 -11.50 5.52
C THR A 92 -6.71 -11.16 6.87
N TRP A 93 -6.62 -9.87 7.21
CA TRP A 93 -5.85 -9.47 8.42
C TRP A 93 -6.42 -10.06 9.69
N ASN A 94 -7.73 -10.10 9.79
CA ASN A 94 -8.40 -10.66 10.98
C ASN A 94 -8.37 -12.17 10.96
N GLY A 95 -8.54 -12.76 9.77
CA GLY A 95 -8.34 -14.24 9.56
C GLY A 95 -7.09 -14.85 10.22
N CYS A 96 -6.04 -14.00 10.37
CA CYS A 96 -4.75 -14.39 10.89
C CYS A 96 -4.79 -14.81 12.35
N PHE A 97 -5.75 -14.30 13.10
CA PHE A 97 -5.94 -14.75 14.44
C PHE A 97 -6.31 -16.25 14.50
N GLN A 98 -7.26 -16.65 13.70
CA GLN A 98 -7.71 -18.01 13.74
C GLN A 98 -6.74 -18.91 12.98
N ALA A 99 -6.26 -18.43 11.84
CA ALA A 99 -5.33 -19.15 10.99
C ALA A 99 -4.07 -19.49 11.77
N CYS A 100 -3.43 -18.47 12.41
CA CYS A 100 -2.27 -18.79 13.27
C CYS A 100 -2.61 -19.78 14.46
N ALA A 101 -3.77 -19.55 15.08
CA ALA A 101 -4.29 -20.44 16.17
C ALA A 101 -4.44 -21.86 15.70
N GLU A 102 -4.79 -22.07 14.42
CA GLU A 102 -4.96 -23.42 13.85
C GLU A 102 -3.71 -24.00 13.12
N LEU A 103 -2.66 -23.17 12.97
CA LEU A 103 -1.50 -23.61 12.19
C LEU A 103 -0.73 -24.74 12.94
N TYR A 104 -0.39 -24.47 14.19
CA TYR A 104 0.17 -25.48 15.08
C TYR A 104 -0.32 -25.21 16.50
N PRO A 105 -0.11 -26.18 17.40
CA PRO A 105 -0.47 -25.93 18.80
C PRO A 105 0.35 -24.77 19.34
N CYS A 106 -0.27 -23.98 20.26
CA CYS A 106 0.40 -22.95 21.11
C CYS A 106 0.91 -21.83 20.25
N THR A 107 0.23 -21.61 19.11
CA THR A 107 0.70 -20.67 18.12
C THR A 107 -0.32 -19.52 18.07
N TYR A 108 0.18 -18.29 17.90
CA TYR A 108 -0.71 -17.15 17.73
C TYR A 108 -0.17 -16.09 16.76
N PHE A 109 -1.01 -15.11 16.45
CA PHE A 109 -0.76 -14.05 15.50
C PHE A 109 0.14 -13.03 16.27
N TYR A 110 1.28 -12.72 15.64
CA TYR A 110 2.41 -12.07 16.31
C TYR A 110 2.66 -10.60 15.86
N GLY A 111 2.80 -9.69 16.83
CA GLY A 111 3.16 -8.30 16.53
C GLY A 111 4.64 -8.08 16.68
N PRO A 112 5.42 -7.85 15.58
CA PRO A 112 6.91 -7.67 15.67
C PRO A 112 7.33 -6.42 16.39
N THR A 113 8.20 -6.61 17.39
CA THR A 113 8.86 -5.57 18.17
C THR A 113 10.11 -5.10 17.43
N PRO A 114 10.74 -3.99 17.92
CA PRO A 114 11.92 -3.39 17.25
C PRO A 114 13.14 -4.27 17.20
N ASP A 115 13.23 -5.19 18.15
CA ASP A 115 14.25 -6.20 18.17
C ASP A 115 13.96 -7.31 17.12
N ILE A 116 12.70 -7.71 16.97
CA ILE A 116 12.33 -8.82 16.07
C ILE A 116 12.06 -8.39 14.65
N LEU A 117 11.38 -7.26 14.47
CA LEU A 117 10.99 -6.78 13.13
C LEU A 117 12.07 -6.88 12.01
N PRO A 118 13.31 -6.37 12.24
CA PRO A 118 14.39 -6.49 11.22
C PRO A 118 14.72 -7.91 10.84
N VAL A 119 14.68 -8.83 11.79
CA VAL A 119 14.93 -10.23 11.50
C VAL A 119 13.79 -10.86 10.66
N VAL A 120 12.55 -10.43 10.92
CA VAL A 120 11.43 -10.76 10.10
C VAL A 120 11.54 -10.26 8.67
N THR A 121 11.71 -8.96 8.52
CA THR A 121 11.59 -8.25 7.25
C THR A 121 12.69 -8.53 6.25
N ARG A 122 13.84 -9.02 6.67
CA ARG A 122 14.83 -9.41 5.68
C ARG A 122 14.59 -10.80 5.02
N ASN A 123 13.57 -11.53 5.48
CA ASN A 123 13.11 -12.75 4.82
C ASN A 123 12.15 -12.49 3.64
N LEU A 124 11.98 -11.19 3.32
CA LEU A 124 10.96 -10.73 2.36
C LEU A 124 11.57 -10.12 1.09
N ASN A 125 10.96 -10.34 -0.05
CA ASN A 125 11.43 -9.63 -1.26
C ASN A 125 10.86 -8.17 -1.27
N ALA A 126 11.17 -7.40 -2.31
CA ALA A 126 10.83 -5.99 -2.32
C ALA A 126 9.33 -5.63 -2.50
N ILE A 127 8.50 -6.60 -2.90
CA ILE A 127 7.04 -6.40 -3.01
C ILE A 127 6.20 -7.25 -2.03
N GLU A 128 6.86 -8.10 -1.26
CA GLU A 128 6.15 -9.00 -0.35
C GLU A 128 5.81 -8.31 0.94
N SER A 129 4.71 -8.75 1.56
CA SER A 129 4.24 -8.17 2.82
C SER A 129 3.64 -9.24 3.70
N LEU A 130 3.61 -8.99 5.01
CA LEU A 130 2.98 -9.93 5.95
C LEU A 130 2.00 -9.15 6.78
N TRP A 131 0.82 -9.75 6.99
CA TRP A 131 -0.06 -9.21 7.99
C TRP A 131 0.58 -9.47 9.38
N VAL A 132 0.49 -8.51 10.27
CA VAL A 132 1.09 -8.70 11.62
C VAL A 132 0.03 -8.47 12.62
N GLY A 133 0.09 -9.17 13.74
CA GLY A 133 -0.93 -8.86 14.76
C GLY A 133 -0.56 -7.71 15.72
N VAL A 134 -0.58 -6.51 15.18
CA VAL A 134 -0.56 -5.26 15.95
C VAL A 134 -1.86 -4.57 15.67
N TYR A 135 -2.60 -4.24 16.73
CA TYR A 135 -3.98 -3.82 16.60
C TYR A 135 -4.27 -2.75 17.63
N ARG A 136 -5.38 -2.04 17.45
CA ARG A 136 -5.70 -0.99 18.43
C ARG A 136 -7.02 -1.32 19.02
N VAL A 137 -7.33 -0.62 20.09
CA VAL A 137 -8.74 -0.63 20.57
C VAL A 137 -9.34 0.77 20.85
N GLY A 138 -10.14 1.24 19.83
CA GLY A 138 -10.81 2.56 19.89
C GLY A 138 -9.88 3.75 19.95
N GLU A 139 -9.90 4.39 21.12
CA GLU A 139 -9.06 5.56 21.40
C GLU A 139 -7.64 5.09 21.71
N GLY A 140 -7.49 3.77 21.83
CA GLY A 140 -6.23 3.16 22.28
C GLY A 140 -4.93 3.40 21.44
N ASN A 141 -3.85 2.87 21.99
CA ASN A 141 -2.65 2.67 21.23
C ASN A 141 -2.73 1.38 20.38
N TRP A 142 -1.64 1.11 19.66
CA TRP A 142 -1.49 -0.12 19.01
C TRP A 142 -0.89 -1.08 20.03
N THR A 143 -1.50 -2.26 20.14
CA THR A 143 -1.00 -3.29 21.07
C THR A 143 -0.99 -4.66 20.29
N SER A 144 -0.37 -5.69 20.90
CA SER A 144 -0.41 -7.06 20.38
C SER A 144 -0.84 -7.97 21.46
N LEU A 145 -0.91 -9.27 21.13
CA LEU A 145 -1.42 -10.28 22.06
C LEU A 145 -0.43 -10.42 23.24
N ASP A 146 0.82 -10.02 23.05
CA ASP A 146 1.82 -10.05 24.08
C ASP A 146 1.87 -8.71 24.85
N GLY A 147 0.97 -7.78 24.53
CA GLY A 147 0.91 -6.45 25.12
C GLY A 147 1.99 -5.54 24.53
N GLY A 148 2.41 -4.55 25.30
CA GLY A 148 3.34 -3.58 24.78
C GLY A 148 2.61 -2.50 24.02
N THR A 149 3.35 -1.43 23.70
CA THR A 149 2.89 -0.30 22.88
C THR A 149 3.77 -0.23 21.61
N PHE A 150 3.10 -0.17 20.45
CA PHE A 150 3.79 -0.13 19.16
C PHE A 150 3.66 1.23 18.49
N LYS A 151 4.75 1.61 17.85
CA LYS A 151 4.72 2.72 16.94
C LYS A 151 4.20 2.18 15.59
N VAL A 152 3.17 2.82 15.03
CA VAL A 152 2.68 2.36 13.74
C VAL A 152 2.58 3.55 12.81
N TYR A 153 3.04 3.39 11.59
CA TYR A 153 2.89 4.40 10.58
C TYR A 153 1.47 4.38 9.93
N GLN A 154 0.61 5.32 10.32
CA GLN A 154 -0.80 5.24 9.94
C GLN A 154 -1.05 5.97 8.63
N ILE A 155 -0.74 5.34 7.50
CA ILE A 155 -1.04 5.84 6.17
C ILE A 155 -2.54 5.91 5.93
N PHE A 156 -3.24 4.98 6.54
CA PHE A 156 -4.69 4.91 6.47
C PHE A 156 -5.28 4.74 7.84
N GLY A 157 -6.47 5.28 8.03
CA GLY A 157 -7.16 5.18 9.35
C GLY A 157 -7.93 3.87 9.44
N SER A 158 -7.20 2.80 9.28
CA SER A 158 -7.79 1.48 9.30
C SER A 158 -7.27 0.79 10.52
N HIS A 159 -7.67 -0.48 10.65
CA HIS A 159 -7.28 -1.33 11.80
C HIS A 159 -6.21 -2.40 11.53
N CYS A 160 -5.80 -2.57 10.26
CA CYS A 160 -4.96 -3.69 9.91
C CYS A 160 -3.60 -3.20 9.63
N THR A 161 -2.59 -3.95 10.09
CA THR A 161 -1.22 -3.54 9.97
C THR A 161 -0.44 -4.64 9.25
N TYR A 162 0.61 -4.23 8.54
CA TYR A 162 1.55 -5.17 7.94
C TYR A 162 3.04 -4.69 8.04
N VAL A 163 3.97 -5.57 7.63
CA VAL A 163 5.39 -5.27 7.51
C VAL A 163 5.89 -5.59 6.10
N SER A 164 6.93 -4.89 5.65
CA SER A 164 7.53 -5.17 4.35
C SER A 164 9.00 -5.28 4.51
N LYS A 165 9.72 -5.64 3.42
CA LYS A 165 11.19 -5.62 3.38
C LYS A 165 11.82 -4.33 3.98
N PHE A 166 11.25 -3.16 3.60
CA PHE A 166 11.81 -1.82 3.84
C PHE A 166 11.16 -1.11 5.02
N SER A 167 9.96 -1.54 5.41
CA SER A 167 9.32 -0.95 6.56
C SER A 167 10.10 -1.20 7.86
N THR A 168 10.23 -0.13 8.66
CA THR A 168 10.89 -0.19 9.98
C THR A 168 9.91 -0.29 11.18
N VAL A 169 8.65 0.04 10.92
CA VAL A 169 7.55 -0.17 11.83
C VAL A 169 6.35 -0.85 11.11
N PRO A 170 5.39 -1.41 11.88
CA PRO A 170 4.12 -1.82 11.22
C PRO A 170 3.50 -0.64 10.53
N VAL A 171 2.76 -0.91 9.46
CA VAL A 171 2.14 0.10 8.62
C VAL A 171 0.65 -0.22 8.44
N SER A 172 -0.23 0.78 8.47
CA SER A 172 -1.66 0.57 8.29
C SER A 172 -2.00 0.46 6.80
N HIS A 173 -2.99 -0.38 6.48
CA HIS A 173 -3.35 -0.65 5.07
C HIS A 173 -4.78 -0.18 4.70
N HIS A 174 -5.01 0.17 3.45
CA HIS A 174 -6.34 0.63 3.01
C HIS A 174 -7.35 -0.54 2.88
N GLU A 175 -6.89 -1.79 2.68
CA GLU A 175 -7.82 -2.92 2.32
C GLU A 175 -7.49 -4.15 3.14
N CYS A 176 -8.15 -4.31 4.26
CA CYS A 176 -7.78 -5.30 5.22
C CYS A 176 -8.18 -6.69 4.78
N SER A 177 -9.09 -6.79 3.81
CA SER A 177 -9.52 -8.09 3.34
C SER A 177 -8.61 -8.60 2.23
N PHE A 178 -7.56 -7.85 1.92
CA PHE A 178 -6.57 -8.26 0.92
C PHE A 178 -5.80 -9.43 1.52
N LEU A 179 -5.49 -10.43 0.71
CA LEU A 179 -5.01 -11.72 1.22
C LEU A 179 -3.50 -11.68 1.20
N LYS A 180 -2.92 -12.04 2.33
CA LYS A 180 -1.51 -12.06 2.46
C LYS A 180 -1.16 -13.23 3.42
N PRO A 181 0.10 -13.65 3.44
CA PRO A 181 0.55 -14.58 4.53
C PRO A 181 0.54 -13.85 5.90
N CYS A 182 0.39 -14.62 6.98
CA CYS A 182 0.31 -14.14 8.34
C CYS A 182 1.61 -14.40 9.09
N LEU A 183 1.96 -13.48 10.00
CA LEU A 183 3.14 -13.68 10.86
C LEU A 183 2.62 -14.30 12.21
N CYS A 184 3.05 -15.54 12.49
CA CYS A 184 2.66 -16.29 13.66
C CYS A 184 3.88 -16.65 14.50
N VAL A 185 3.65 -16.89 15.79
CA VAL A 185 4.73 -17.27 16.65
C VAL A 185 4.29 -18.37 17.60
N SER A 186 5.24 -19.16 18.06
CA SER A 186 5.05 -20.06 19.19
C SER A 186 6.31 -19.96 20.06
N GLN A 187 6.19 -20.20 21.36
CA GLN A 187 7.36 -20.22 22.24
C GLN A 187 7.95 -21.62 22.39
N ARG A 188 9.28 -21.74 22.30
CA ARG A 188 10.00 -23.01 22.55
C ARG A 188 10.05 -23.39 24.02
N SER A 189 10.18 -24.68 24.29
CA SER A 189 10.34 -25.17 25.68
C SER A 189 11.56 -24.56 26.39
N ASN A 190 11.47 -24.40 27.71
CA ASN A 190 12.65 -23.93 28.46
C ASN A 190 13.16 -24.94 29.45
N VAL B 44 15.54 0.54 -42.38
CA VAL B 44 15.19 -0.35 -41.23
C VAL B 44 13.65 -0.53 -41.25
N LYS B 45 12.91 0.61 -41.14
CA LYS B 45 11.44 0.60 -41.23
C LYS B 45 10.83 1.34 -42.40
N LEU B 46 10.43 0.54 -43.39
CA LEU B 46 9.39 0.91 -44.36
C LEU B 46 8.56 -0.36 -44.71
N PRO B 47 7.76 -0.82 -43.66
CA PRO B 47 7.02 -2.07 -43.78
C PRO B 47 5.77 -2.04 -44.70
N HIS B 48 5.69 -3.04 -45.59
CA HIS B 48 4.49 -3.33 -46.38
C HIS B 48 3.48 -4.17 -45.56
N TRP B 49 3.89 -4.54 -44.35
CA TRP B 49 3.16 -5.47 -43.49
C TRP B 49 3.69 -5.38 -42.05
N THR B 50 2.77 -5.42 -41.09
CA THR B 50 3.12 -5.55 -39.67
C THR B 50 2.30 -6.70 -39.06
N PRO B 51 2.90 -7.52 -38.16
CA PRO B 51 2.12 -8.59 -37.57
C PRO B 51 1.10 -8.01 -36.61
N THR B 52 -0.07 -8.64 -36.49
CA THR B 52 -1.04 -8.26 -35.42
C THR B 52 -0.88 -9.19 -34.21
N LEU B 53 0.08 -8.86 -33.33
CA LEU B 53 0.35 -9.69 -32.13
C LEU B 53 -0.55 -9.22 -31.03
N HIS B 54 -1.46 -10.10 -30.59
CA HIS B 54 -2.61 -9.63 -29.83
C HIS B 54 -2.19 -8.77 -28.61
N THR B 55 -1.33 -9.29 -27.77
CA THR B 55 -1.00 -8.58 -26.53
C THR B 55 0.36 -7.82 -26.54
N PHE B 56 0.91 -7.45 -27.70
CA PHE B 56 2.26 -6.94 -27.70
C PHE B 56 2.17 -5.47 -27.46
N GLN B 57 3.11 -4.92 -26.68
CA GLN B 57 3.24 -3.46 -26.42
C GLN B 57 4.57 -3.10 -25.88
N VAL B 58 4.90 -1.81 -25.94
CA VAL B 58 6.10 -1.26 -25.32
C VAL B 58 5.64 -0.06 -24.50
N PRO B 59 6.46 0.40 -23.59
CA PRO B 59 6.05 1.58 -22.87
C PRO B 59 5.83 2.80 -23.79
N GLN B 60 4.72 3.50 -23.62
CA GLN B 60 4.50 4.76 -24.33
C GLN B 60 5.10 5.95 -23.57
N ASN B 61 5.61 6.93 -24.28
CA ASN B 61 6.21 8.06 -23.59
C ASN B 61 5.18 9.12 -23.29
N TYR B 62 5.31 9.79 -22.17
CA TYR B 62 4.40 10.88 -21.83
C TYR B 62 5.16 12.12 -21.50
N THR B 63 4.62 13.26 -21.92
CA THR B 63 5.13 14.60 -21.51
C THR B 63 4.02 15.47 -20.86
N LYS B 64 4.45 16.49 -20.13
CA LYS B 64 3.51 17.46 -19.65
C LYS B 64 2.86 18.17 -20.84
N ALA B 65 1.64 18.63 -20.63
CA ALA B 65 0.94 19.41 -21.65
C ALA B 65 1.48 20.83 -21.78
N ASN B 66 1.51 21.28 -23.03
CA ASN B 66 2.01 22.63 -23.30
C ASN B 66 0.89 23.68 -23.56
N CYS B 67 -0.33 23.20 -23.71
CA CYS B 67 -1.46 24.04 -23.94
C CYS B 67 -2.16 24.30 -22.59
N THR B 68 -3.08 25.26 -22.60
CA THR B 68 -3.74 25.73 -21.39
C THR B 68 -5.24 25.48 -21.46
N TYR B 69 -5.80 24.87 -20.41
CA TYR B 69 -7.24 24.57 -20.35
C TYR B 69 -7.63 24.30 -18.89
N CYS B 70 -8.90 24.51 -18.61
CA CYS B 70 -9.51 24.09 -17.39
C CYS B 70 -11.01 23.87 -17.58
N ASN B 71 -11.54 22.71 -17.20
CA ASN B 71 -12.94 22.56 -17.20
C ASN B 71 -13.38 23.15 -15.86
N THR B 72 -13.93 24.36 -15.94
CA THR B 72 -14.38 25.12 -14.70
C THR B 72 -15.73 24.66 -14.05
N ARG B 73 -16.47 23.76 -14.69
CA ARG B 73 -17.55 23.06 -14.00
C ARG B 73 -17.13 21.77 -13.29
N GLU B 74 -16.12 21.07 -13.84
CA GLU B 74 -15.84 19.69 -13.44
C GLU B 74 -14.55 19.47 -12.59
N TYR B 75 -13.66 20.47 -12.46
CA TYR B 75 -12.50 20.25 -11.60
C TYR B 75 -12.86 19.94 -10.13
N THR B 76 -12.05 19.13 -9.45
CA THR B 76 -12.22 18.84 -8.00
C THR B 76 -11.84 20.09 -7.12
N PHE B 77 -10.74 20.75 -7.45
CA PHE B 77 -10.43 22.01 -6.86
C PHE B 77 -9.39 22.71 -7.73
N SER B 78 -9.37 24.02 -7.58
CA SER B 78 -8.46 24.87 -8.32
C SER B 78 -7.54 25.59 -7.36
N TYR B 79 -6.29 25.78 -7.74
CA TYR B 79 -5.33 26.35 -6.80
C TYR B 79 -4.07 26.79 -7.52
N LYS B 80 -3.63 28.03 -7.29
CA LYS B 80 -2.35 28.53 -7.87
C LYS B 80 -2.31 28.47 -9.41
N GLY B 81 -3.40 28.90 -10.03
CA GLY B 81 -3.55 28.93 -11.50
C GLY B 81 -3.55 27.55 -12.16
N CYS B 82 -3.93 26.52 -11.39
CA CYS B 82 -4.01 25.15 -11.85
C CYS B 82 -5.35 24.48 -11.48
N CYS B 83 -5.90 23.65 -12.36
CA CYS B 83 -7.12 22.88 -12.10
C CYS B 83 -6.77 21.41 -11.83
N PHE B 84 -7.25 20.84 -10.75
CA PHE B 84 -6.96 19.46 -10.40
C PHE B 84 -8.24 18.57 -10.51
N TYR B 85 -8.06 17.35 -11.01
CA TYR B 85 -9.17 16.43 -11.16
C TYR B 85 -8.88 15.11 -10.51
N PHE B 86 -9.71 14.63 -9.61
CA PHE B 86 -9.65 13.19 -9.26
C PHE B 86 -10.59 12.45 -10.26
N THR B 87 -10.06 11.49 -11.01
CA THR B 87 -10.87 10.71 -11.95
C THR B 87 -12.03 9.90 -11.33
N LYS B 88 -13.16 9.83 -12.03
CA LYS B 88 -14.30 9.13 -11.46
C LYS B 88 -14.06 7.69 -11.61
N LYS B 89 -13.52 7.31 -12.76
CA LYS B 89 -13.23 5.91 -12.96
C LYS B 89 -11.87 5.58 -12.38
N LYS B 90 -11.73 4.38 -11.85
CA LYS B 90 -10.46 3.94 -11.32
C LYS B 90 -9.61 3.26 -12.39
N HIS B 91 -8.30 3.39 -12.23
CA HIS B 91 -7.30 2.82 -13.12
C HIS B 91 -6.13 2.18 -12.41
N THR B 92 -5.29 1.47 -13.17
CA THR B 92 -3.97 1.07 -12.68
C THR B 92 -3.02 2.29 -12.68
N TRP B 93 -1.91 2.18 -11.98
CA TRP B 93 -1.05 3.36 -11.82
C TRP B 93 -0.56 3.89 -13.16
N ASN B 94 -0.07 2.99 -14.00
CA ASN B 94 0.40 3.38 -15.36
C ASN B 94 -0.75 3.84 -16.33
N GLY B 95 -1.94 3.23 -16.21
CA GLY B 95 -3.18 3.70 -16.88
C GLY B 95 -3.53 5.15 -16.70
N CYS B 96 -3.09 5.71 -15.57
CA CYS B 96 -3.34 7.16 -15.24
C CYS B 96 -2.69 8.14 -16.20
N PHE B 97 -1.59 7.76 -16.80
CA PHE B 97 -0.99 8.55 -17.84
C PHE B 97 -1.95 8.87 -19.03
N GLN B 98 -2.50 7.80 -19.61
CA GLN B 98 -3.43 7.88 -20.70
C GLN B 98 -4.76 8.47 -20.21
N ALA B 99 -5.24 7.94 -19.07
CA ALA B 99 -6.51 8.33 -18.52
C ALA B 99 -6.59 9.81 -18.29
N CYS B 100 -5.58 10.40 -17.58
CA CYS B 100 -5.50 11.85 -17.44
C CYS B 100 -5.38 12.56 -18.77
N ALA B 101 -4.55 12.04 -19.68
CA ALA B 101 -4.43 12.61 -21.07
C ALA B 101 -5.73 12.66 -21.83
N GLU B 102 -6.60 11.68 -21.68
CA GLU B 102 -7.89 11.66 -22.36
C GLU B 102 -9.06 12.31 -21.55
N LEU B 103 -8.83 12.75 -20.31
CA LEU B 103 -9.95 13.16 -19.48
C LEU B 103 -10.47 14.48 -20.01
N TYR B 104 -9.54 15.43 -20.22
CA TYR B 104 -9.84 16.75 -20.81
C TYR B 104 -8.62 17.15 -21.60
N PRO B 105 -8.78 18.10 -22.53
CA PRO B 105 -7.59 18.55 -23.23
C PRO B 105 -6.58 19.18 -22.26
N CYS B 106 -5.30 19.11 -22.63
CA CYS B 106 -4.20 19.79 -21.92
C CYS B 106 -4.01 19.27 -20.52
N THR B 107 -4.38 18.03 -20.27
CA THR B 107 -4.48 17.50 -18.91
C THR B 107 -3.50 16.32 -18.80
N TYR B 108 -2.88 16.13 -17.62
CA TYR B 108 -1.87 15.09 -17.49
C TYR B 108 -1.80 14.62 -16.04
N PHE B 109 -1.03 13.56 -15.81
CA PHE B 109 -0.97 12.84 -14.54
C PHE B 109 0.05 13.66 -13.66
N TYR B 110 -0.44 14.04 -12.50
CA TYR B 110 0.19 15.01 -11.67
C TYR B 110 0.86 14.47 -10.41
N GLY B 111 2.11 14.86 -10.18
CA GLY B 111 2.82 14.51 -8.94
C GLY B 111 2.76 15.68 -7.96
N PRO B 112 2.10 15.47 -6.78
CA PRO B 112 1.83 16.55 -5.81
C PRO B 112 3.10 17.00 -5.09
N THR B 113 3.37 18.30 -5.15
CA THR B 113 4.49 18.93 -4.47
C THR B 113 4.09 19.31 -3.01
N PRO B 114 5.07 19.71 -2.15
CA PRO B 114 4.81 19.93 -0.75
C PRO B 114 3.71 20.96 -0.51
N ASP B 115 3.72 21.95 -1.36
CA ASP B 115 2.73 23.00 -1.34
C ASP B 115 1.31 22.45 -1.70
N ILE B 116 1.23 21.60 -2.72
CA ILE B 116 -0.06 21.13 -3.20
C ILE B 116 -0.58 19.93 -2.45
N LEU B 117 0.29 18.97 -2.12
CA LEU B 117 -0.11 17.72 -1.47
C LEU B 117 -1.17 17.86 -0.37
N PRO B 118 -0.94 18.75 0.62
CA PRO B 118 -1.92 18.90 1.73
C PRO B 118 -3.27 19.29 1.23
N VAL B 119 -3.34 20.09 0.18
CA VAL B 119 -4.60 20.57 -0.37
C VAL B 119 -5.34 19.41 -1.07
N VAL B 120 -4.59 18.58 -1.77
CA VAL B 120 -5.07 17.33 -2.34
C VAL B 120 -5.61 16.36 -1.28
N THR B 121 -4.85 16.09 -0.22
CA THR B 121 -5.10 14.94 0.69
C THR B 121 -6.27 15.18 1.63
N ARG B 122 -6.56 16.42 1.95
CA ARG B 122 -7.71 16.71 2.77
C ARG B 122 -9.06 16.49 2.07
N ASN B 123 -9.06 16.27 0.75
CA ASN B 123 -10.28 15.90 -0.04
C ASN B 123 -10.62 14.39 0.00
N LEU B 124 -9.82 13.66 0.79
CA LEU B 124 -9.90 12.19 0.91
C LEU B 124 -10.33 11.70 2.30
N ASN B 125 -11.14 10.62 2.33
CA ASN B 125 -11.51 9.97 3.59
C ASN B 125 -10.40 9.04 4.09
N ALA B 126 -10.61 8.41 5.24
CA ALA B 126 -9.54 7.75 5.97
C ALA B 126 -8.97 6.49 5.33
N ILE B 127 -9.70 5.95 4.37
CA ILE B 127 -9.27 4.75 3.58
C ILE B 127 -9.07 5.01 2.11
N GLU B 128 -9.42 6.18 1.61
CA GLU B 128 -9.25 6.53 0.18
C GLU B 128 -7.80 6.83 -0.16
N SER B 129 -7.46 6.58 -1.41
CA SER B 129 -6.14 6.85 -1.95
C SER B 129 -6.18 7.22 -3.44
N LEU B 130 -5.15 7.96 -3.89
CA LEU B 130 -5.05 8.40 -5.30
C LEU B 130 -3.71 7.99 -5.81
N TRP B 131 -3.68 7.45 -7.02
CA TRP B 131 -2.46 7.24 -7.74
C TRP B 131 -1.96 8.62 -8.10
N VAL B 132 -0.66 8.83 -7.96
CA VAL B 132 -0.08 10.16 -8.30
C VAL B 132 1.03 9.99 -9.28
N GLY B 133 1.23 10.95 -10.18
CA GLY B 133 2.30 10.75 -11.19
C GLY B 133 3.71 11.16 -10.68
N VAL B 134 4.18 10.41 -9.71
CA VAL B 134 5.54 10.52 -9.23
C VAL B 134 6.24 9.21 -9.50
N TYR B 135 7.33 9.27 -10.27
CA TYR B 135 7.98 8.08 -10.84
C TYR B 135 9.50 8.24 -10.89
N ARG B 136 10.21 7.13 -10.85
CA ARG B 136 11.68 7.05 -11.00
C ARG B 136 11.95 6.80 -12.46
N VAL B 137 12.80 7.64 -13.07
CA VAL B 137 12.96 7.53 -14.55
C VAL B 137 13.88 6.37 -14.99
N GLY B 138 15.05 6.23 -14.35
CA GLY B 138 15.95 5.12 -14.71
C GLY B 138 16.41 4.37 -13.46
N GLU B 139 17.70 4.52 -13.12
CA GLU B 139 18.20 4.22 -11.78
C GLU B 139 18.00 5.46 -10.85
N GLY B 140 17.47 6.55 -11.46
CA GLY B 140 17.35 7.88 -10.87
C GLY B 140 16.42 8.06 -9.67
N ASN B 141 16.40 9.30 -9.13
CA ASN B 141 15.49 9.62 -8.03
C ASN B 141 14.06 9.92 -8.57
N TRP B 142 13.11 10.07 -7.64
CA TRP B 142 11.74 10.27 -8.01
C TRP B 142 11.47 11.64 -8.65
N THR B 143 10.80 11.62 -9.77
CA THR B 143 10.45 12.83 -10.48
C THR B 143 8.95 12.74 -11.02
N SER B 144 8.55 13.77 -11.77
CA SER B 144 7.23 13.91 -12.30
C SER B 144 7.31 14.49 -13.70
N LEU B 145 6.16 14.62 -14.36
CA LEU B 145 6.06 15.21 -15.69
C LEU B 145 6.44 16.68 -15.71
N ASP B 146 6.35 17.34 -14.55
CA ASP B 146 6.81 18.74 -14.42
C ASP B 146 8.28 18.83 -13.95
N GLY B 147 9.00 17.71 -13.89
CA GLY B 147 10.33 17.70 -13.27
C GLY B 147 10.29 17.72 -11.76
N GLY B 148 11.41 18.14 -11.18
CA GLY B 148 11.56 18.20 -9.71
C GLY B 148 12.07 16.88 -9.12
N THR B 149 12.38 16.91 -7.82
CA THR B 149 12.91 15.75 -7.12
C THR B 149 12.04 15.59 -5.93
N PHE B 150 11.53 14.37 -5.77
CA PHE B 150 10.48 14.12 -4.76
C PHE B 150 11.08 13.22 -3.70
N LYS B 151 10.64 13.43 -2.48
CA LYS B 151 10.91 12.49 -1.42
C LYS B 151 9.72 11.55 -1.42
N VAL B 152 9.99 10.25 -1.45
CA VAL B 152 8.96 9.19 -1.50
C VAL B 152 9.23 8.20 -0.39
N TYR B 153 8.22 7.90 0.38
CA TYR B 153 8.34 6.85 1.36
C TYR B 153 8.23 5.45 0.67
N GLN B 154 9.36 4.78 0.47
CA GLN B 154 9.35 3.51 -0.29
C GLN B 154 9.11 2.28 0.58
N ILE B 155 7.88 2.02 0.98
CA ILE B 155 7.51 0.80 1.74
C ILE B 155 7.78 -0.48 0.92
N PHE B 156 7.65 -0.35 -0.38
CA PHE B 156 7.89 -1.41 -1.31
C PHE B 156 8.86 -0.91 -2.37
N GLY B 157 9.66 -1.83 -2.92
CA GLY B 157 10.51 -1.51 -4.06
C GLY B 157 9.78 -1.65 -5.40
N SER B 158 8.66 -0.91 -5.47
CA SER B 158 7.88 -0.86 -6.71
C SER B 158 8.10 0.50 -7.39
N HIS B 159 7.37 0.71 -8.48
CA HIS B 159 7.42 1.91 -9.30
C HIS B 159 6.21 2.85 -9.13
N CYS B 160 5.16 2.40 -8.44
CA CYS B 160 3.92 3.15 -8.36
C CYS B 160 3.84 3.87 -7.01
N THR B 161 3.34 5.11 -7.05
CA THR B 161 3.17 5.91 -5.86
C THR B 161 1.74 6.39 -5.72
N TYR B 162 1.35 6.62 -4.46
CA TYR B 162 0.04 7.17 -4.15
C TYR B 162 0.07 8.13 -2.96
N VAL B 163 -1.06 8.77 -2.71
CA VAL B 163 -1.28 9.62 -1.56
C VAL B 163 -2.54 9.18 -0.82
N SER B 164 -2.58 9.46 0.47
CA SER B 164 -3.77 9.23 1.29
C SER B 164 -4.11 10.50 2.08
N LYS B 165 -5.20 10.48 2.86
CA LYS B 165 -5.55 11.54 3.79
C LYS B 165 -4.38 11.91 4.76
N PHE B 166 -3.70 10.90 5.29
CA PHE B 166 -2.67 11.06 6.31
C PHE B 166 -1.25 11.16 5.78
N SER B 167 -1.04 10.67 4.57
CA SER B 167 0.30 10.71 4.00
C SER B 167 0.79 12.16 3.72
N THR B 168 2.03 12.45 4.15
CA THR B 168 2.68 13.75 3.93
C THR B 168 3.62 13.78 2.70
N VAL B 169 3.94 12.60 2.15
CA VAL B 169 4.60 12.46 0.87
C VAL B 169 3.99 11.30 0.04
N PRO B 170 4.33 11.21 -1.24
CA PRO B 170 3.93 10.03 -2.02
C PRO B 170 4.53 8.77 -1.37
N VAL B 171 3.81 7.67 -1.47
CA VAL B 171 4.19 6.40 -0.87
C VAL B 171 4.14 5.31 -1.99
N SER B 172 5.10 4.39 -1.98
CA SER B 172 5.18 3.28 -2.89
C SER B 172 4.24 2.10 -2.50
N HIS B 173 3.64 1.45 -3.50
CA HIS B 173 2.60 0.39 -3.25
C HIS B 173 3.06 -0.97 -3.69
N HIS B 174 2.53 -2.03 -3.10
CA HIS B 174 2.94 -3.41 -3.44
C HIS B 174 2.30 -3.89 -4.73
N GLU B 175 1.15 -3.35 -5.12
CA GLU B 175 0.36 -3.86 -6.25
C GLU B 175 -0.07 -2.68 -7.11
N CYS B 176 0.65 -2.48 -8.20
CA CYS B 176 0.48 -1.32 -9.07
C CYS B 176 -0.71 -1.45 -9.98
N SER B 177 -1.23 -2.67 -10.16
CA SER B 177 -2.42 -2.88 -10.99
C SER B 177 -3.71 -2.74 -10.18
N PHE B 178 -3.62 -2.38 -8.89
CA PHE B 178 -4.79 -2.11 -8.05
C PHE B 178 -5.48 -0.83 -8.52
N LEU B 179 -6.81 -0.83 -8.60
CA LEU B 179 -7.54 0.23 -9.29
C LEU B 179 -7.85 1.32 -8.29
N LYS B 180 -7.52 2.54 -8.70
CA LYS B 180 -7.76 3.71 -7.89
C LYS B 180 -7.99 4.92 -8.82
N PRO B 181 -8.65 5.96 -8.31
CA PRO B 181 -8.75 7.19 -9.06
C PRO B 181 -7.36 7.81 -9.28
N CYS B 182 -7.23 8.57 -10.36
CA CYS B 182 -5.98 9.25 -10.71
C CYS B 182 -5.97 10.75 -10.34
N LEU B 183 -4.82 11.25 -9.95
CA LEU B 183 -4.66 12.74 -9.74
C LEU B 183 -4.16 13.39 -11.07
N CYS B 184 -4.96 14.24 -11.67
CA CYS B 184 -4.62 14.88 -12.95
C CYS B 184 -4.64 16.38 -12.79
N VAL B 185 -3.94 17.08 -13.67
CA VAL B 185 -3.96 18.49 -13.64
C VAL B 185 -4.04 19.05 -15.03
N SER B 186 -4.51 20.28 -15.13
CA SER B 186 -4.37 21.10 -16.33
C SER B 186 -4.05 22.54 -15.87
N GLN B 187 -3.44 23.34 -16.75
CA GLN B 187 -3.07 24.73 -16.39
C GLN B 187 -3.99 25.80 -16.90
N ARG B 188 -4.61 26.61 -16.01
CA ARG B 188 -5.59 27.64 -16.46
C ARG B 188 -4.94 28.69 -17.34
N SER B 189 -5.74 29.41 -18.11
CA SER B 189 -5.23 30.52 -18.93
C SER B 189 -4.46 31.63 -18.20
N ASN B 190 -3.38 32.08 -18.88
CA ASN B 190 -2.40 33.09 -18.40
C ASN B 190 -2.04 33.07 -16.89
#